data_8T1U
#
_entry.id   8T1U
#
_cell.length_a   54.469
_cell.length_b   232.853
_cell.length_c   118.497
_cell.angle_alpha   90.00
_cell.angle_beta   90.00
_cell.angle_gamma   90.00
#
_symmetry.space_group_name_H-M   'C 2 2 21'
#
loop_
_entity.id
_entity.type
_entity.pdbx_description
1 polymer 'DNA (cytosine-5)-methyltransferase DRM2'
2 polymer "DNA (5'-D(P*TP*AP*AP*AP*TP*TP*TP*AP*GP*AP*TP*TP*AP*AP*TP*AP*AP*T)-3')"
3 polymer "DNA (5'-D(P*AP*TP*TP*AP*TP*TP*AP*AP*TP*(C49)P*TP*AP*AP*AP*TP*TP*TP*A)-3')"
4 non-polymer S-ADENOSYL-L-HOMOCYSTEINE
5 water water
#
loop_
_entity_poly.entity_id
_entity_poly.type
_entity_poly.pdbx_seq_one_letter_code
_entity_poly.pdbx_strand_id
1 'polypeptide(L)'
;EPIRLPNPMIGFGVPNEPGLITHRSLPELARGPPFFYYENVALTPKGVWETISRHLFEIPPEFVDSKYFCVAARKRGYIH
NLPINNRFQIQPPPKYTIHDAFPLSKRWWPEWDKRTKLNCILTCTGSAQLTNRIRVALEPYNEEPEPPKHVQRYVIDQCK
KWNLVWVGKNKAAPLEPDEMESILGFPKNHTRGGGMSRTERFKSLGNSFQVDTVAYHLSVLKPIFPHGINVLSLFTGIGG
GEVALHRLQIKMKLVVSVEISKVNRNILKDFWEQTNQTGELIEFSDIQHLTNDTIEGLMEKYGGFDLVIGGSPCNNLAGG
NRVSRVGLEGDQSSLFFEYCRILEVVRARMRGS
;
A
2 'polydeoxyribonucleotide' (DT)(DA)(DA)(DA)(DT)(DT)(DT)(DA)(DG)(DA)(DT)(DT)(DA)(DA)(DT)(DA)(DA)(DT) E
3 'polydeoxyribonucleotide' (DA)(DT)(DT)(DA)(DT)(DT)(DA)(DA)(DT)(C49)(DT)(DA)(DA)(DA)(DT)(DT)(DT)(DA) G
#
# COMPACT_ATOMS: atom_id res chain seq x y z
N GLU A 1 16.71 -21.69 5.53
CA GLU A 1 15.80 -22.03 4.45
C GLU A 1 15.16 -20.77 3.87
N PRO A 2 15.09 -20.69 2.53
CA PRO A 2 14.57 -19.48 1.89
C PRO A 2 13.09 -19.30 2.19
N ILE A 3 12.66 -18.04 2.21
CA ILE A 3 11.26 -17.69 2.42
C ILE A 3 10.51 -17.94 1.14
N ARG A 4 9.44 -18.73 1.20
CA ARG A 4 8.63 -19.06 0.05
C ARG A 4 7.28 -18.36 0.16
N LEU A 5 6.85 -17.73 -0.94
CA LEU A 5 5.61 -16.97 -0.93
C LEU A 5 4.42 -17.92 -0.85
N PRO A 6 3.40 -17.60 -0.04
CA PRO A 6 2.24 -18.49 0.07
C PRO A 6 1.35 -18.40 -1.15
N ASN A 7 0.90 -19.56 -1.61
CA ASN A 7 0.00 -19.67 -2.76
C ASN A 7 -1.22 -20.46 -2.33
N PRO A 8 -2.40 -19.81 -2.18
CA PRO A 8 -2.72 -18.41 -2.48
C PRO A 8 -2.14 -17.42 -1.47
N MET A 9 -2.01 -16.16 -1.86
CA MET A 9 -1.40 -15.13 -1.03
C MET A 9 -2.44 -14.47 -0.13
N ILE A 10 -3.00 -15.27 0.78
CA ILE A 10 -4.09 -14.81 1.61
C ILE A 10 -3.58 -14.39 2.97
N GLY A 11 -2.26 -14.40 3.14
CA GLY A 11 -1.68 -14.07 4.43
C GLY A 11 -2.15 -15.06 5.47
N PHE A 12 -2.57 -14.55 6.63
CA PHE A 12 -3.16 -15.37 7.67
C PHE A 12 -4.67 -15.50 7.51
N GLY A 13 -5.18 -15.27 6.29
CA GLY A 13 -6.61 -15.25 6.08
C GLY A 13 -7.10 -13.94 5.53
N VAL A 14 -7.96 -14.01 4.51
CA VAL A 14 -8.59 -12.83 3.93
C VAL A 14 -10.10 -13.05 3.99
N PRO A 15 -10.88 -11.98 3.81
CA PRO A 15 -12.33 -12.13 3.82
C PRO A 15 -12.84 -12.91 2.61
N ASN A 16 -13.94 -13.64 2.82
CA ASN A 16 -14.64 -14.41 1.80
C ASN A 16 -13.77 -15.52 1.21
N GLU A 17 -12.73 -15.95 1.92
CA GLU A 17 -11.86 -17.00 1.42
C GLU A 17 -11.54 -17.97 2.54
N PRO A 18 -11.31 -19.23 2.22
CA PRO A 18 -10.89 -20.18 3.25
C PRO A 18 -9.45 -19.96 3.66
N GLY A 19 -9.10 -20.50 4.82
CA GLY A 19 -7.74 -20.49 5.31
C GLY A 19 -7.45 -19.50 6.42
N LEU A 20 -8.47 -18.99 7.10
CA LEU A 20 -8.23 -18.08 8.21
C LEU A 20 -7.46 -18.79 9.33
N ILE A 21 -6.54 -18.08 9.95
CA ILE A 21 -5.77 -18.56 11.08
C ILE A 21 -5.81 -17.50 12.16
N THR A 22 -6.21 -17.88 13.37
CA THR A 22 -6.43 -16.93 14.45
C THR A 22 -5.31 -16.91 15.49
N HIS A 23 -4.36 -17.83 15.42
CA HIS A 23 -3.26 -17.90 16.38
C HIS A 23 -1.93 -17.85 15.64
N ARG A 24 -0.91 -17.34 16.32
CA ARG A 24 0.42 -17.22 15.73
C ARG A 24 1.46 -17.25 16.83
N SER A 25 2.55 -17.97 16.59
CA SER A 25 3.69 -18.00 17.50
C SER A 25 4.62 -16.83 17.19
N LEU A 26 4.75 -15.91 18.13
CA LEU A 26 5.63 -14.76 17.95
C LEU A 26 6.85 -14.88 18.84
N PRO A 27 8.04 -14.51 18.33
CA PRO A 27 9.22 -14.49 19.20
C PRO A 27 9.02 -13.54 20.36
N GLU A 28 9.72 -13.80 21.46
CA GLU A 28 9.56 -12.96 22.65
C GLU A 28 10.08 -11.55 22.40
N LEU A 29 11.18 -11.42 21.64
CA LEU A 29 11.71 -10.10 21.31
C LEU A 29 10.73 -9.29 20.48
N ALA A 30 9.78 -9.95 19.82
CA ALA A 30 8.81 -9.28 18.97
C ALA A 30 7.61 -8.73 19.75
N ARG A 31 7.46 -9.10 21.02
CA ARG A 31 6.27 -8.70 21.76
C ARG A 31 6.27 -7.19 22.03
N GLY A 32 5.08 -6.61 22.03
CA GLY A 32 4.94 -5.20 22.25
C GLY A 32 4.91 -4.91 23.72
N PRO A 33 4.84 -3.63 24.06
CA PRO A 33 4.75 -2.47 23.20
C PRO A 33 6.11 -1.99 22.68
N PRO A 34 6.10 -1.20 21.61
CA PRO A 34 4.95 -0.77 20.80
C PRO A 34 4.52 -1.82 19.78
N PHE A 35 3.26 -1.81 19.37
CA PHE A 35 2.88 -2.53 18.17
C PHE A 35 3.54 -1.85 16.97
N PHE A 36 4.09 -2.64 16.07
CA PHE A 36 4.71 -2.08 14.88
C PHE A 36 4.24 -2.82 13.63
N TYR A 37 4.20 -2.08 12.53
CA TYR A 37 3.63 -2.53 11.27
C TYR A 37 4.55 -2.06 10.16
N TYR A 38 5.16 -3.00 9.45
CA TYR A 38 6.09 -2.67 8.38
C TYR A 38 5.58 -3.30 7.09
N GLU A 39 5.54 -2.50 6.04
CA GLU A 39 5.07 -2.96 4.75
C GLU A 39 6.14 -2.78 3.68
N ASN A 40 6.15 -3.69 2.71
CA ASN A 40 6.96 -3.50 1.51
C ASN A 40 6.42 -4.41 0.41
N VAL A 41 7.03 -4.32 -0.77
CA VAL A 41 6.63 -5.21 -1.87
C VAL A 41 7.10 -6.63 -1.56
N ALA A 42 6.30 -7.60 -2.01
CA ALA A 42 6.66 -8.99 -1.77
C ALA A 42 7.68 -9.48 -2.78
N LEU A 43 7.56 -9.06 -4.04
CA LEU A 43 8.41 -9.57 -5.12
C LEU A 43 9.70 -8.75 -5.17
N THR A 44 10.62 -9.10 -4.29
CA THR A 44 11.91 -8.45 -4.13
C THR A 44 13.02 -9.31 -4.73
N PRO A 45 14.21 -8.75 -4.92
CA PRO A 45 15.37 -9.61 -5.23
C PRO A 45 15.63 -10.59 -4.10
N LYS A 46 16.31 -11.68 -4.44
CA LYS A 46 16.45 -12.79 -3.50
C LYS A 46 17.19 -12.33 -2.25
N GLY A 47 16.76 -12.87 -1.10
CA GLY A 47 17.41 -12.61 0.16
C GLY A 47 17.00 -11.35 0.87
N VAL A 48 16.09 -10.56 0.30
CA VAL A 48 15.72 -9.27 0.89
C VAL A 48 14.82 -9.48 2.09
N TRP A 49 13.71 -10.21 1.91
CA TRP A 49 12.76 -10.40 3.00
C TRP A 49 13.38 -11.16 4.16
N GLU A 50 14.35 -12.05 3.86
CA GLU A 50 15.06 -12.73 4.94
C GLU A 50 15.83 -11.74 5.80
N THR A 51 16.50 -10.77 5.16
CA THR A 51 17.22 -9.74 5.92
C THR A 51 16.25 -8.85 6.69
N ILE A 52 15.13 -8.48 6.08
CA ILE A 52 14.15 -7.65 6.77
C ILE A 52 13.61 -8.37 8.00
N SER A 53 13.29 -9.66 7.86
CA SER A 53 12.81 -10.43 9.00
C SER A 53 13.88 -10.54 10.07
N ARG A 54 15.12 -10.82 9.68
CA ARG A 54 16.21 -10.92 10.66
C ARG A 54 16.35 -9.64 11.45
N HIS A 55 16.24 -8.48 10.78
CA HIS A 55 16.35 -7.21 11.49
C HIS A 55 15.08 -6.83 12.23
N LEU A 56 13.97 -7.50 11.94
CA LEU A 56 12.73 -7.24 12.68
C LEU A 56 12.39 -8.44 13.57
N PHE A 57 13.33 -8.84 14.41
CA PHE A 57 13.11 -9.83 15.47
C PHE A 57 12.67 -11.19 14.94
N GLU A 58 12.97 -11.47 13.67
CA GLU A 58 12.71 -12.77 13.04
C GLU A 58 11.22 -13.06 12.93
N ILE A 59 10.41 -12.02 12.73
CA ILE A 59 8.98 -12.20 12.49
C ILE A 59 8.77 -12.65 11.05
N PRO A 60 8.19 -13.82 10.82
CA PRO A 60 7.88 -14.23 9.44
C PRO A 60 6.85 -13.30 8.83
N PRO A 61 7.13 -12.78 7.63
CA PRO A 61 6.22 -11.82 7.00
C PRO A 61 4.86 -12.45 6.66
N GLU A 62 3.83 -11.62 6.75
CA GLU A 62 2.50 -11.99 6.27
C GLU A 62 2.35 -11.44 4.85
N PHE A 63 2.23 -12.34 3.88
CA PHE A 63 2.19 -11.98 2.48
C PHE A 63 0.75 -11.96 2.00
N VAL A 64 0.25 -10.79 1.63
CA VAL A 64 -1.14 -10.61 1.23
C VAL A 64 -1.19 -9.97 -0.15
N ASP A 65 -2.10 -10.46 -0.99
CA ASP A 65 -2.44 -9.83 -2.26
C ASP A 65 -3.75 -9.07 -2.08
N SER A 66 -3.70 -7.75 -2.27
CA SER A 66 -4.86 -6.91 -2.01
C SER A 66 -5.97 -7.16 -3.01
N LYS A 67 -5.72 -8.06 -3.97
CA LYS A 67 -6.75 -8.42 -4.93
C LYS A 67 -7.94 -9.09 -4.26
N TYR A 68 -7.78 -9.56 -3.03
CA TYR A 68 -8.90 -10.03 -2.23
C TYR A 68 -9.61 -8.90 -1.50
N PHE A 69 -9.09 -7.67 -1.62
CA PHE A 69 -9.67 -6.51 -0.97
C PHE A 69 -10.17 -5.44 -1.94
N CYS A 70 -9.93 -5.59 -3.24
CA CYS A 70 -10.30 -4.59 -4.22
C CYS A 70 -10.09 -5.21 -5.61
N VAL A 71 -10.21 -4.38 -6.64
CA VAL A 71 -10.15 -4.86 -8.02
C VAL A 71 -8.71 -5.07 -8.50
N ALA A 72 -7.74 -4.37 -7.90
CA ALA A 72 -6.36 -4.37 -8.39
C ALA A 72 -5.47 -5.19 -7.45
N ALA A 73 -4.64 -6.04 -8.04
CA ALA A 73 -3.70 -6.84 -7.27
C ALA A 73 -2.65 -5.95 -6.62
N ARG A 74 -2.06 -6.46 -5.52
CA ARG A 74 -1.02 -5.74 -4.80
C ARG A 74 -0.34 -6.75 -3.86
N LYS A 75 0.65 -7.47 -4.40
CA LYS A 75 1.33 -8.52 -3.66
C LYS A 75 2.36 -7.90 -2.72
N ARG A 76 1.96 -7.70 -1.46
CA ARG A 76 2.78 -7.01 -0.48
C ARG A 76 3.09 -7.92 0.70
N GLY A 77 4.14 -7.58 1.42
CA GLY A 77 4.51 -8.28 2.65
C GLY A 77 4.47 -7.33 3.83
N TYR A 78 3.92 -7.81 4.94
CA TYR A 78 3.75 -7.01 6.15
C TYR A 78 4.30 -7.79 7.34
N ILE A 79 5.25 -7.18 8.03
CA ILE A 79 5.80 -7.73 9.27
C ILE A 79 5.22 -6.92 10.42
N HIS A 80 4.62 -7.61 11.38
CA HIS A 80 3.99 -6.92 12.49
C HIS A 80 3.94 -7.85 13.70
N ASN A 81 3.60 -7.27 14.84
CA ASN A 81 3.39 -8.01 16.08
C ASN A 81 1.97 -7.82 16.59
N LEU A 82 1.02 -7.64 15.69
CA LEU A 82 -0.37 -7.45 16.07
C LEU A 82 -1.05 -8.80 16.30
N PRO A 83 -2.04 -8.86 17.19
CA PRO A 83 -2.89 -10.04 17.25
C PRO A 83 -3.62 -10.23 15.93
N ILE A 84 -3.82 -11.49 15.55
CA ILE A 84 -4.40 -11.83 14.27
C ILE A 84 -5.82 -12.37 14.39
N ASN A 85 -6.36 -12.46 15.60
CA ASN A 85 -7.75 -12.84 15.78
C ASN A 85 -8.64 -11.59 15.83
N ASN A 86 -9.93 -11.80 15.61
CA ASN A 86 -10.94 -10.73 15.66
C ASN A 86 -10.66 -9.64 14.64
N ARG A 87 -10.16 -10.00 13.48
CA ARG A 87 -10.02 -9.03 12.40
C ARG A 87 -11.38 -8.77 11.77
N PHE A 88 -11.55 -7.53 11.30
CA PHE A 88 -12.77 -7.17 10.58
C PHE A 88 -12.41 -6.13 9.53
N GLN A 89 -13.15 -6.14 8.43
CA GLN A 89 -12.89 -5.23 7.32
C GLN A 89 -13.72 -3.97 7.47
N ILE A 90 -13.15 -2.85 7.02
CA ILE A 90 -13.91 -1.61 6.99
C ILE A 90 -15.00 -1.74 5.96
N GLN A 91 -16.12 -1.06 6.20
CA GLN A 91 -17.27 -1.21 5.32
C GLN A 91 -17.62 0.11 4.65
N PRO A 92 -18.08 0.09 3.41
CA PRO A 92 -18.25 -1.09 2.55
C PRO A 92 -16.95 -1.42 1.81
N PRO A 93 -16.73 -2.70 1.46
CA PRO A 93 -15.54 -3.05 0.70
C PRO A 93 -15.58 -2.42 -0.67
N PRO A 94 -14.43 -2.18 -1.30
CA PRO A 94 -14.42 -1.69 -2.68
C PRO A 94 -14.98 -2.75 -3.62
N LYS A 95 -15.32 -2.31 -4.83
CA LYS A 95 -15.81 -3.22 -5.85
C LYS A 95 -14.76 -4.29 -6.14
N TYR A 96 -15.20 -5.55 -6.20
CA TYR A 96 -14.27 -6.67 -6.26
C TYR A 96 -13.80 -6.92 -7.70
N THR A 97 -14.70 -6.84 -8.67
CA THR A 97 -14.39 -7.19 -10.05
C THR A 97 -14.33 -5.94 -10.93
N ILE A 98 -13.78 -6.12 -12.13
CA ILE A 98 -13.70 -5.02 -13.09
C ILE A 98 -15.09 -4.61 -13.54
N HIS A 99 -15.98 -5.58 -13.71
CA HIS A 99 -17.35 -5.29 -14.13
C HIS A 99 -18.03 -4.34 -13.16
N ASP A 100 -17.80 -4.52 -11.86
CA ASP A 100 -18.45 -3.66 -10.86
C ASP A 100 -17.66 -2.38 -10.62
N ALA A 101 -16.33 -2.44 -10.70
CA ALA A 101 -15.52 -1.25 -10.45
C ALA A 101 -15.63 -0.24 -11.59
N PHE A 102 -15.84 -0.70 -12.82
CA PHE A 102 -15.89 0.18 -13.98
C PHE A 102 -17.22 -0.06 -14.69
N PRO A 103 -18.29 0.61 -14.28
CA PRO A 103 -19.61 0.28 -14.80
C PRO A 103 -19.81 0.61 -16.27
N LEU A 104 -19.03 1.53 -16.82
CA LEU A 104 -19.19 1.91 -18.22
C LEU A 104 -18.39 1.01 -19.15
N SER A 105 -17.38 0.30 -18.63
CA SER A 105 -16.55 -0.57 -19.45
C SER A 105 -17.35 -1.65 -20.18
N LYS A 106 -18.57 -1.97 -19.72
CA LYS A 106 -19.43 -2.87 -20.48
C LYS A 106 -19.51 -2.46 -21.93
N ARG A 107 -19.64 -1.15 -22.18
CA ARG A 107 -19.90 -0.67 -23.52
C ARG A 107 -18.74 -0.95 -24.46
N TRP A 108 -17.52 -1.05 -23.94
CA TRP A 108 -16.33 -1.13 -24.77
C TRP A 108 -15.50 -2.38 -24.55
N TRP A 109 -15.74 -3.12 -23.47
CA TRP A 109 -14.92 -4.30 -23.17
C TRP A 109 -15.13 -5.37 -24.23
N PRO A 110 -14.06 -5.90 -24.81
CA PRO A 110 -14.20 -7.02 -25.76
C PRO A 110 -14.47 -8.33 -25.05
N GLU A 111 -15.11 -9.24 -25.79
CA GLU A 111 -15.40 -10.56 -25.22
C GLU A 111 -14.14 -11.36 -24.98
N TRP A 112 -13.13 -11.21 -25.85
CA TRP A 112 -11.88 -11.95 -25.71
C TRP A 112 -10.94 -11.37 -24.64
N ASP A 113 -11.26 -10.21 -24.09
CA ASP A 113 -10.54 -9.69 -22.92
C ASP A 113 -11.23 -10.27 -21.69
N LYS A 114 -10.74 -11.43 -21.23
CA LYS A 114 -11.39 -12.17 -20.15
C LYS A 114 -10.90 -11.72 -18.77
N ARG A 115 -10.43 -10.48 -18.64
CA ARG A 115 -9.93 -9.98 -17.37
C ARG A 115 -11.06 -9.72 -16.39
N THR A 116 -10.88 -10.19 -15.15
CA THR A 116 -11.75 -9.84 -14.04
C THR A 116 -11.07 -8.96 -13.01
N LYS A 117 -9.74 -9.01 -12.91
CA LYS A 117 -8.97 -8.22 -11.97
C LYS A 117 -7.94 -7.39 -12.71
N LEU A 118 -7.62 -6.23 -12.14
CA LEU A 118 -6.55 -5.40 -12.64
C LEU A 118 -5.24 -5.75 -11.93
N ASN A 119 -4.14 -5.45 -12.60
CA ASN A 119 -2.82 -5.75 -12.05
C ASN A 119 -2.41 -4.64 -11.08
N CYS A 120 -1.17 -4.66 -10.63
CA CYS A 120 -0.73 -3.75 -9.57
C CYS A 120 -0.73 -2.31 -10.07
N ILE A 121 -1.12 -1.40 -9.17
CA ILE A 121 -1.09 0.03 -9.48
C ILE A 121 0.32 0.53 -9.20
N LEU A 122 1.00 1.00 -10.25
CA LEU A 122 2.38 1.47 -10.17
C LEU A 122 2.42 2.98 -10.33
N THR A 123 3.64 3.52 -10.36
CA THR A 123 3.83 4.95 -10.56
C THR A 123 4.04 5.33 -12.02
N CYS A 124 4.09 4.35 -12.91
CA CYS A 124 4.25 4.61 -14.34
C CYS A 124 3.04 4.07 -15.07
N THR A 125 2.28 4.96 -15.70
CA THR A 125 1.11 4.58 -16.45
C THR A 125 1.45 4.36 -17.92
N GLY A 126 0.53 3.71 -18.63
CA GLY A 126 0.72 3.51 -20.06
C GLY A 126 0.79 4.84 -20.80
N SER A 127 1.52 4.83 -21.91
CA SER A 127 1.69 6.01 -22.72
C SER A 127 0.53 6.17 -23.70
N ALA A 128 0.31 7.41 -24.13
CA ALA A 128 -0.72 7.67 -25.14
C ALA A 128 -0.38 6.98 -26.45
N GLN A 129 0.91 6.88 -26.79
CA GLN A 129 1.29 6.16 -28.00
C GLN A 129 0.93 4.69 -27.89
N LEU A 130 0.89 4.16 -26.68
CA LEU A 130 0.44 2.78 -26.48
C LEU A 130 -1.04 2.63 -26.82
N THR A 131 -1.88 3.53 -26.28
CA THR A 131 -3.30 3.51 -26.62
C THR A 131 -3.50 3.65 -28.13
N ASN A 132 -2.74 4.55 -28.77
CA ASN A 132 -2.89 4.75 -30.20
C ASN A 132 -2.41 3.54 -30.98
N ARG A 133 -1.37 2.86 -30.50
CA ARG A 133 -0.88 1.67 -31.19
C ARG A 133 -1.89 0.53 -31.11
N ILE A 134 -2.52 0.37 -29.94
CA ILE A 134 -3.57 -0.65 -29.82
C ILE A 134 -4.77 -0.28 -30.71
N ARG A 135 -5.16 0.99 -30.72
CA ARG A 135 -6.26 1.43 -31.57
C ARG A 135 -5.96 1.14 -33.03
N VAL A 136 -4.74 1.45 -33.48
CA VAL A 136 -4.36 1.21 -34.87
C VAL A 136 -4.28 -0.28 -35.16
N ALA A 137 -3.87 -1.09 -34.18
CA ALA A 137 -3.81 -2.52 -34.39
C ALA A 137 -5.20 -3.13 -34.56
N LEU A 138 -6.20 -2.60 -33.86
CA LEU A 138 -7.51 -3.31 -33.90
C LEU A 138 -8.45 -2.71 -34.95
N GLU A 139 -8.17 -1.52 -35.44
CA GLU A 139 -9.12 -0.83 -36.36
C GLU A 139 -9.34 -1.64 -37.65
N PRO A 140 -8.30 -2.15 -38.33
CA PRO A 140 -8.50 -2.98 -39.50
C PRO A 140 -9.60 -4.04 -39.39
N TYR A 141 -9.87 -4.54 -38.20
CA TYR A 141 -10.84 -5.67 -38.09
C TYR A 141 -12.16 -5.19 -37.51
N ASN A 142 -12.49 -3.92 -37.72
CA ASN A 142 -13.74 -3.36 -37.14
C ASN A 142 -14.91 -4.11 -37.75
N GLU A 143 -14.92 -4.29 -39.08
CA GLU A 143 -16.08 -4.97 -39.63
C GLU A 143 -16.06 -6.46 -39.36
N GLU A 144 -14.90 -7.04 -39.05
CA GLU A 144 -14.84 -8.44 -38.68
C GLU A 144 -15.39 -8.65 -37.27
N PRO A 145 -16.03 -9.79 -37.01
CA PRO A 145 -16.61 -10.00 -35.68
C PRO A 145 -15.57 -10.09 -34.58
N GLU A 146 -14.42 -10.69 -34.84
CA GLU A 146 -13.36 -10.79 -33.85
C GLU A 146 -12.00 -10.91 -34.53
N PRO A 147 -11.00 -10.15 -34.11
CA PRO A 147 -9.68 -10.27 -34.72
C PRO A 147 -9.08 -11.62 -34.44
N PRO A 148 -8.23 -12.13 -35.33
CA PRO A 148 -7.57 -13.41 -35.08
C PRO A 148 -6.70 -13.35 -33.82
N LYS A 149 -6.44 -14.54 -33.27
CA LYS A 149 -5.83 -14.65 -31.95
C LYS A 149 -4.43 -14.05 -31.87
N HIS A 150 -3.73 -13.94 -33.01
CA HIS A 150 -2.35 -13.49 -32.96
C HIS A 150 -2.25 -12.02 -32.57
N VAL A 151 -3.23 -11.20 -32.96
CA VAL A 151 -3.25 -9.82 -32.48
C VAL A 151 -3.89 -9.74 -31.10
N GLN A 152 -4.78 -10.69 -30.78
CA GLN A 152 -5.35 -10.76 -29.44
C GLN A 152 -4.26 -10.93 -28.41
N ARG A 153 -3.28 -11.79 -28.69
CA ARG A 153 -2.12 -11.90 -27.81
C ARG A 153 -1.49 -10.55 -27.54
N TYR A 154 -1.14 -9.81 -28.61
CA TYR A 154 -0.46 -8.54 -28.45
C TYR A 154 -1.27 -7.58 -27.60
N VAL A 155 -2.55 -7.41 -27.94
CA VAL A 155 -3.34 -6.37 -27.28
C VAL A 155 -3.63 -6.75 -25.82
N ILE A 156 -3.91 -8.04 -25.56
CA ILE A 156 -4.18 -8.45 -24.18
C ILE A 156 -2.92 -8.36 -23.34
N ASP A 157 -1.76 -8.72 -23.92
CA ASP A 157 -0.52 -8.63 -23.17
C ASP A 157 -0.16 -7.19 -22.87
N GLN A 158 -0.44 -6.26 -23.80
CA GLN A 158 -0.19 -4.86 -23.52
C GLN A 158 -1.16 -4.32 -22.47
N CYS A 159 -2.41 -4.77 -22.51
CA CYS A 159 -3.40 -4.32 -21.52
C CYS A 159 -3.03 -4.81 -20.13
N LYS A 160 -2.58 -6.05 -20.01
CA LYS A 160 -2.16 -6.56 -18.71
C LYS A 160 -0.86 -5.90 -18.25
N LYS A 161 0.11 -5.74 -19.16
CA LYS A 161 1.40 -5.17 -18.80
C LYS A 161 1.29 -3.71 -18.37
N TRP A 162 0.31 -2.98 -18.91
CA TRP A 162 0.17 -1.57 -18.56
C TRP A 162 -1.14 -1.25 -17.84
N ASN A 163 -1.90 -2.27 -17.45
CA ASN A 163 -3.09 -2.10 -16.60
C ASN A 163 -4.08 -1.12 -17.24
N LEU A 164 -4.49 -1.45 -18.47
CA LEU A 164 -5.37 -0.60 -19.25
C LEU A 164 -6.83 -1.04 -19.11
N VAL A 165 -7.73 -0.07 -19.24
CA VAL A 165 -9.17 -0.34 -19.24
C VAL A 165 -9.78 0.23 -20.51
N TRP A 166 -10.84 -0.41 -20.98
CA TRP A 166 -11.47 -0.01 -22.23
C TRP A 166 -12.40 1.16 -22.00
N VAL A 167 -12.19 2.24 -22.76
CA VAL A 167 -12.95 3.47 -22.61
C VAL A 167 -13.55 3.98 -23.90
N GLY A 168 -13.05 3.58 -25.07
CA GLY A 168 -13.60 4.02 -26.34
C GLY A 168 -13.77 2.88 -27.32
N LYS A 169 -13.96 3.20 -28.59
CA LYS A 169 -14.24 2.18 -29.60
C LYS A 169 -13.15 1.11 -29.60
N ASN A 170 -11.91 1.52 -29.81
CA ASN A 170 -10.76 0.64 -29.69
C ASN A 170 -9.73 1.27 -28.77
N LYS A 171 -10.20 1.89 -27.70
CA LYS A 171 -9.37 2.67 -26.79
C LYS A 171 -9.13 1.86 -25.52
N ALA A 172 -7.85 1.54 -25.26
CA ALA A 172 -7.42 0.90 -24.02
C ALA A 172 -6.51 1.90 -23.30
N ALA A 173 -7.07 2.60 -22.32
CA ALA A 173 -6.37 3.68 -21.63
C ALA A 173 -5.99 3.26 -20.21
N PRO A 174 -4.94 3.86 -19.65
CA PRO A 174 -4.59 3.55 -18.26
C PRO A 174 -5.59 4.13 -17.27
N LEU A 175 -5.31 3.95 -15.98
CA LEU A 175 -6.21 4.41 -14.94
C LEU A 175 -5.99 5.88 -14.64
N GLU A 176 -7.06 6.55 -14.21
CA GLU A 176 -7.02 7.94 -13.83
C GLU A 176 -6.76 8.09 -12.33
N PRO A 177 -6.21 9.23 -11.91
CA PRO A 177 -5.87 9.40 -10.48
C PRO A 177 -7.01 9.06 -9.53
N ASP A 178 -8.22 9.56 -9.77
CA ASP A 178 -9.33 9.25 -8.87
C ASP A 178 -9.71 7.78 -8.91
N GLU A 179 -9.49 7.13 -10.06
CA GLU A 179 -9.77 5.69 -10.15
C GLU A 179 -8.87 4.90 -9.21
N MET A 180 -7.55 5.10 -9.30
CA MET A 180 -6.65 4.41 -8.38
C MET A 180 -6.79 4.92 -6.95
N GLU A 181 -7.30 6.15 -6.77
CA GLU A 181 -7.60 6.63 -5.43
C GLU A 181 -8.70 5.80 -4.79
N SER A 182 -9.77 5.54 -5.55
CA SER A 182 -10.85 4.71 -5.03
C SER A 182 -10.44 3.25 -4.89
N ILE A 183 -9.61 2.76 -5.81
CA ILE A 183 -9.17 1.38 -5.74
C ILE A 183 -8.25 1.17 -4.55
N LEU A 184 -7.39 2.14 -4.26
CA LEU A 184 -6.48 2.04 -3.12
C LEU A 184 -7.13 2.37 -1.79
N GLY A 185 -8.45 2.55 -1.75
CA GLY A 185 -9.16 2.74 -0.52
C GLY A 185 -9.19 4.15 0.03
N PHE A 186 -8.72 5.14 -0.73
CA PHE A 186 -8.77 6.51 -0.27
C PHE A 186 -10.05 7.19 -0.75
N PRO A 187 -10.53 8.20 -0.02
CA PRO A 187 -11.70 8.95 -0.49
C PRO A 187 -11.37 9.75 -1.74
N LYS A 188 -12.44 10.16 -2.43
CA LYS A 188 -12.30 10.90 -3.68
C LYS A 188 -11.54 12.21 -3.45
N ASN A 189 -10.65 12.53 -4.39
CA ASN A 189 -9.86 13.76 -4.37
C ASN A 189 -8.98 13.87 -3.12
N HIS A 190 -8.70 12.75 -2.47
CA HIS A 190 -7.83 12.75 -1.29
C HIS A 190 -6.46 13.34 -1.61
N THR A 191 -6.00 13.19 -2.85
CA THR A 191 -4.69 13.71 -3.26
C THR A 191 -4.81 14.82 -4.31
N ARG A 192 -5.98 15.46 -4.43
CA ARG A 192 -6.19 16.45 -5.48
C ARG A 192 -5.67 17.83 -5.11
N GLY A 193 -5.57 18.15 -3.84
CA GLY A 193 -5.19 19.49 -3.41
C GLY A 193 -3.70 19.65 -3.17
N GLY A 194 -3.36 20.71 -2.44
CA GLY A 194 -1.99 20.92 -2.02
C GLY A 194 -1.03 21.24 -3.13
N GLY A 195 -1.53 21.73 -4.27
CA GLY A 195 -0.68 22.04 -5.39
C GLY A 195 0.07 20.86 -5.96
N MET A 196 -0.34 19.64 -5.62
CA MET A 196 0.28 18.47 -6.19
C MET A 196 -0.16 18.30 -7.64
N SER A 197 0.81 18.09 -8.52
CA SER A 197 0.53 17.95 -9.93
C SER A 197 0.00 16.55 -10.24
N ARG A 198 -0.54 16.38 -11.45
CA ARG A 198 -1.05 15.07 -11.85
C ARG A 198 0.05 14.02 -11.85
N THR A 199 1.23 14.37 -12.35
CA THR A 199 2.35 13.43 -12.35
C THR A 199 2.74 13.04 -10.94
N GLU A 200 2.87 14.02 -10.06
CA GLU A 200 3.13 13.73 -8.66
C GLU A 200 1.99 12.92 -8.05
N ARG A 201 0.76 13.17 -8.49
CA ARG A 201 -0.37 12.38 -8.02
C ARG A 201 -0.21 10.91 -8.37
N PHE A 202 0.16 10.63 -9.62
CA PHE A 202 0.40 9.24 -10.05
C PHE A 202 1.52 8.61 -9.23
N LYS A 203 2.64 9.33 -9.10
CA LYS A 203 3.78 8.77 -8.36
C LYS A 203 3.43 8.48 -6.91
N SER A 204 2.64 9.37 -6.28
CA SER A 204 2.29 9.17 -4.88
C SER A 204 1.24 8.08 -4.70
N LEU A 205 0.34 7.93 -5.68
CA LEU A 205 -0.66 6.86 -5.58
C LEU A 205 -0.03 5.50 -5.80
N GLY A 206 0.86 5.38 -6.78
CA GLY A 206 1.55 4.12 -7.00
C GLY A 206 2.34 3.66 -5.79
N ASN A 207 2.86 4.59 -5.00
CA ASN A 207 3.72 4.26 -3.87
C ASN A 207 2.94 4.05 -2.57
N SER A 208 1.61 3.95 -2.63
CA SER A 208 0.79 4.06 -1.43
C SER A 208 0.25 2.71 -0.97
N PHE A 209 -0.35 2.74 0.21
CA PHE A 209 -1.05 1.58 0.77
C PHE A 209 -2.35 1.33 0.04
N GLN A 210 -2.82 0.09 0.11
CA GLN A 210 -4.22 -0.23 -0.14
C GLN A 210 -4.92 -0.16 1.20
N VAL A 211 -5.78 0.85 1.36
CA VAL A 211 -6.28 1.20 2.70
C VAL A 211 -7.08 0.05 3.30
N ASP A 212 -7.84 -0.67 2.48
CA ASP A 212 -8.67 -1.73 3.01
C ASP A 212 -7.84 -2.86 3.60
N THR A 213 -6.73 -3.22 2.95
CA THR A 213 -5.87 -4.28 3.47
C THR A 213 -5.26 -3.91 4.81
N VAL A 214 -4.63 -2.72 4.87
CA VAL A 214 -4.01 -2.28 6.11
C VAL A 214 -5.06 -2.11 7.20
N ALA A 215 -6.27 -1.69 6.84
CA ALA A 215 -7.31 -1.50 7.85
C ALA A 215 -7.80 -2.85 8.38
N TYR A 216 -7.93 -3.84 7.49
CA TYR A 216 -8.24 -5.19 7.93
C TYR A 216 -7.17 -5.68 8.90
N HIS A 217 -5.91 -5.37 8.64
CA HIS A 217 -4.84 -5.81 9.52
C HIS A 217 -4.87 -5.08 10.86
N LEU A 218 -5.12 -3.76 10.84
CA LEU A 218 -5.09 -2.93 12.03
C LEU A 218 -6.38 -2.95 12.84
N SER A 219 -7.44 -3.59 12.33
CA SER A 219 -8.72 -3.58 13.04
C SER A 219 -8.61 -4.14 14.45
N VAL A 220 -7.65 -5.05 14.69
CA VAL A 220 -7.53 -5.67 16.00
C VAL A 220 -7.20 -4.67 17.10
N LEU A 221 -6.79 -3.45 16.73
CA LEU A 221 -6.45 -2.45 17.73
C LEU A 221 -7.68 -1.83 18.38
N LYS A 222 -8.83 -1.82 17.68
CA LYS A 222 -10.00 -1.11 18.20
C LYS A 222 -10.41 -1.58 19.60
N PRO A 223 -10.53 -2.89 19.88
CA PRO A 223 -10.82 -3.29 21.26
C PRO A 223 -9.67 -3.07 22.23
N ILE A 224 -8.44 -2.89 21.73
CA ILE A 224 -7.30 -2.77 22.64
C ILE A 224 -7.15 -1.35 23.19
N PHE A 225 -7.48 -0.33 22.39
CA PHE A 225 -7.28 1.07 22.75
C PHE A 225 -8.60 1.82 22.63
N PRO A 226 -9.46 1.73 23.65
CA PRO A 226 -10.75 2.43 23.57
C PRO A 226 -10.60 3.93 23.47
N HIS A 227 -9.55 4.51 24.04
CA HIS A 227 -9.39 5.95 24.13
C HIS A 227 -8.34 6.50 23.18
N GLY A 228 -8.04 5.77 22.11
CA GLY A 228 -7.16 6.27 21.08
C GLY A 228 -5.70 5.88 21.27
N ILE A 229 -4.92 6.13 20.23
CA ILE A 229 -3.53 5.69 20.17
C ILE A 229 -2.61 6.85 19.85
N ASN A 230 -1.33 6.64 20.14
CA ASN A 230 -0.24 7.50 19.70
C ASN A 230 0.50 6.80 18.57
N VAL A 231 0.63 7.46 17.43
CA VAL A 231 1.14 6.87 16.22
C VAL A 231 2.48 7.51 15.86
N LEU A 232 3.46 6.67 15.52
CA LEU A 232 4.69 7.08 14.89
C LEU A 232 4.63 6.59 13.44
N SER A 233 4.42 7.52 12.53
CA SER A 233 4.16 7.20 11.13
C SER A 233 5.43 7.48 10.35
N LEU A 234 6.14 6.42 9.97
CA LEU A 234 7.37 6.53 9.20
C LEU A 234 7.05 6.35 7.72
N PHE A 235 7.62 7.20 6.88
CA PHE A 235 7.35 7.20 5.44
C PHE A 235 5.85 7.31 5.19
N THR A 236 5.28 8.40 5.71
CA THR A 236 3.83 8.54 5.76
C THR A 236 3.22 8.59 4.36
N GLY A 237 3.83 9.34 3.45
CA GLY A 237 3.25 9.49 2.13
C GLY A 237 1.94 10.23 2.19
N ILE A 238 0.95 9.72 1.44
CA ILE A 238 -0.35 10.34 1.39
C ILE A 238 -1.21 9.84 2.53
N GLY A 239 -0.60 9.11 3.46
CA GLY A 239 -1.23 8.80 4.73
C GLY A 239 -2.08 7.55 4.74
N GLY A 240 -1.57 6.46 4.17
CA GLY A 240 -2.31 5.22 4.13
C GLY A 240 -2.81 4.74 5.47
N GLY A 241 -1.88 4.54 6.42
CA GLY A 241 -2.27 4.07 7.73
C GLY A 241 -3.18 5.03 8.46
N GLU A 242 -3.01 6.34 8.23
CA GLU A 242 -3.88 7.32 8.86
C GLU A 242 -5.32 7.18 8.38
N VAL A 243 -5.50 7.07 7.06
CA VAL A 243 -6.84 6.87 6.52
C VAL A 243 -7.42 5.55 7.01
N ALA A 244 -6.58 4.52 7.12
CA ALA A 244 -7.06 3.23 7.62
C ALA A 244 -7.56 3.33 9.05
N LEU A 245 -6.79 3.99 9.92
CA LEU A 245 -7.24 4.17 11.30
C LEU A 245 -8.47 5.07 11.37
N HIS A 246 -8.57 6.03 10.46
CA HIS A 246 -9.76 6.88 10.39
C HIS A 246 -10.99 6.05 10.05
N ARG A 247 -10.88 5.17 9.05
CA ARG A 247 -12.00 4.31 8.68
C ARG A 247 -12.33 3.32 9.79
N LEU A 248 -11.34 2.93 10.58
CA LEU A 248 -11.54 2.01 11.69
C LEU A 248 -12.11 2.70 12.94
N GLN A 249 -12.37 4.01 12.85
CA GLN A 249 -12.88 4.81 13.98
C GLN A 249 -11.98 4.70 15.21
N ILE A 250 -10.68 4.53 14.98
CA ILE A 250 -9.70 4.47 16.07
C ILE A 250 -9.12 5.87 16.24
N LYS A 251 -9.36 6.47 17.40
CA LYS A 251 -8.92 7.84 17.63
C LYS A 251 -7.41 7.94 17.59
N MET A 252 -6.91 8.93 16.86
CA MET A 252 -5.47 9.14 16.70
C MET A 252 -5.13 10.38 17.52
N LYS A 253 -4.83 10.18 18.81
CA LYS A 253 -4.56 11.31 19.69
C LYS A 253 -3.36 12.11 19.22
N LEU A 254 -2.35 11.43 18.69
CA LEU A 254 -1.14 12.08 18.18
C LEU A 254 -0.64 11.29 16.99
N VAL A 255 -0.10 12.01 15.99
CA VAL A 255 0.56 11.38 14.86
C VAL A 255 1.84 12.14 14.60
N VAL A 256 2.98 11.49 14.80
CA VAL A 256 4.27 11.99 14.38
C VAL A 256 4.54 11.40 13.00
N SER A 257 4.46 12.25 11.97
CA SER A 257 4.63 11.82 10.60
C SER A 257 6.05 12.15 10.13
N VAL A 258 6.65 11.23 9.39
CA VAL A 258 7.97 11.41 8.82
C VAL A 258 7.85 11.13 7.33
N GLU A 259 8.01 12.15 6.50
CA GLU A 259 7.79 12.02 5.06
C GLU A 259 8.47 13.19 4.36
N ILE A 260 9.39 12.87 3.43
CA ILE A 260 10.25 13.90 2.88
C ILE A 260 9.58 14.75 1.79
N SER A 261 8.49 14.29 1.19
CA SER A 261 7.86 15.02 0.11
C SER A 261 6.92 16.09 0.65
N LYS A 262 7.12 17.34 0.22
CA LYS A 262 6.31 18.43 0.76
C LYS A 262 4.85 18.31 0.33
N VAL A 263 4.60 17.90 -0.91
CA VAL A 263 3.21 17.73 -1.35
C VAL A 263 2.54 16.59 -0.61
N ASN A 264 3.28 15.54 -0.28
CA ASN A 264 2.72 14.47 0.55
C ASN A 264 2.34 15.00 1.93
N ARG A 265 3.22 15.79 2.54
CA ARG A 265 2.90 16.34 3.85
C ARG A 265 1.70 17.28 3.78
N ASN A 266 1.58 18.02 2.67
CA ASN A 266 0.42 18.89 2.48
C ASN A 266 -0.85 18.07 2.34
N ILE A 267 -0.78 16.93 1.65
CA ILE A 267 -1.96 16.07 1.53
C ILE A 267 -2.33 15.50 2.89
N LEU A 268 -1.34 15.17 3.70
CA LEU A 268 -1.64 14.65 5.04
C LEU A 268 -2.26 15.73 5.92
N LYS A 269 -1.74 16.96 5.85
CA LYS A 269 -2.34 18.05 6.61
C LYS A 269 -3.75 18.36 6.12
N ASP A 270 -3.97 18.28 4.82
CA ASP A 270 -5.31 18.44 4.27
C ASP A 270 -6.25 17.38 4.82
N PHE A 271 -5.83 16.11 4.77
CA PHE A 271 -6.67 15.04 5.31
C PHE A 271 -6.94 15.26 6.80
N TRP A 272 -5.95 15.73 7.54
CA TRP A 272 -6.14 16.02 8.95
C TRP A 272 -7.20 17.10 9.16
N GLU A 273 -7.19 18.13 8.30
CA GLU A 273 -8.11 19.25 8.47
C GLU A 273 -9.52 18.90 8.02
N GLN A 274 -9.67 18.29 6.84
CA GLN A 274 -10.99 18.03 6.29
C GLN A 274 -11.74 16.93 7.02
N THR A 275 -11.07 16.13 7.84
CA THR A 275 -11.75 15.14 8.67
C THR A 275 -11.91 15.60 10.11
N ASN A 276 -11.47 16.82 10.43
CA ASN A 276 -11.65 17.43 11.75
C ASN A 276 -11.06 16.56 12.86
N GLN A 277 -9.84 16.08 12.62
CA GLN A 277 -9.17 15.25 13.62
C GLN A 277 -8.95 16.03 14.90
N THR A 278 -9.34 15.42 16.03
CA THR A 278 -9.18 16.07 17.32
C THR A 278 -7.72 16.12 17.74
N GLY A 279 -6.98 15.04 17.51
CA GLY A 279 -5.61 14.93 17.97
C GLY A 279 -4.66 15.87 17.24
N GLU A 280 -3.39 15.75 17.60
CA GLU A 280 -2.33 16.61 17.09
C GLU A 280 -1.53 15.91 16.01
N LEU A 281 -1.18 16.65 14.97
CA LEU A 281 -0.35 16.16 13.87
C LEU A 281 0.98 16.89 13.91
N ILE A 282 2.07 16.13 13.97
CA ILE A 282 3.43 16.65 13.90
C ILE A 282 4.08 16.07 12.64
N GLU A 283 4.72 16.93 11.86
CA GLU A 283 5.28 16.52 10.58
C GLU A 283 6.79 16.71 10.59
N PHE A 284 7.51 15.68 10.15
CA PHE A 284 8.95 15.71 9.97
C PHE A 284 9.27 15.40 8.52
N SER A 285 10.40 15.90 8.06
CA SER A 285 10.80 15.69 6.66
C SER A 285 11.68 14.46 6.52
N ASP A 286 12.99 14.65 6.71
CA ASP A 286 13.94 13.56 6.51
C ASP A 286 14.07 12.72 7.78
N ILE A 287 13.86 11.41 7.63
CA ILE A 287 14.05 10.50 8.76
C ILE A 287 15.51 10.40 9.14
N GLN A 288 16.42 10.67 8.19
CA GLN A 288 17.85 10.64 8.49
C GLN A 288 18.27 11.80 9.39
N HIS A 289 17.48 12.86 9.44
CA HIS A 289 17.74 13.97 10.34
C HIS A 289 16.94 13.88 11.64
N LEU A 290 15.97 12.99 11.69
CA LEU A 290 15.27 12.69 12.93
C LEU A 290 16.24 12.01 13.89
N THR A 291 16.49 12.63 15.04
CA THR A 291 17.44 12.09 15.98
C THR A 291 16.75 11.18 17.00
N ASN A 292 17.54 10.29 17.59
CA ASN A 292 17.00 9.40 18.62
C ASN A 292 16.48 10.20 19.80
N ASP A 293 17.19 11.27 20.18
CA ASP A 293 16.76 12.08 21.31
C ASP A 293 15.47 12.82 21.02
N THR A 294 15.23 13.20 19.75
CA THR A 294 13.95 13.78 19.40
C THR A 294 12.81 12.80 19.65
N ILE A 295 13.00 11.54 19.23
CA ILE A 295 12.00 10.51 19.46
C ILE A 295 11.76 10.34 20.96
N GLU A 296 12.84 10.28 21.74
CA GLU A 296 12.70 10.07 23.17
C GLU A 296 11.97 11.24 23.84
N GLY A 297 12.28 12.47 23.42
CA GLY A 297 11.60 13.63 23.97
C GLY A 297 10.12 13.66 23.60
N LEU A 298 9.80 13.33 22.34
CA LEU A 298 8.39 13.25 21.95
C LEU A 298 7.66 12.20 22.76
N MET A 299 8.29 11.05 22.99
CA MET A 299 7.67 10.01 23.81
C MET A 299 7.44 10.49 25.22
N GLU A 300 8.43 11.17 25.80
CA GLU A 300 8.28 11.66 27.17
C GLU A 300 7.17 12.70 27.25
N LYS A 301 7.02 13.52 26.20
CA LYS A 301 6.00 14.57 26.23
C LYS A 301 4.61 13.99 26.07
N TYR A 302 4.44 13.01 25.19
CA TYR A 302 3.12 12.49 24.86
C TYR A 302 2.81 11.14 25.50
N GLY A 303 3.81 10.45 26.03
CA GLY A 303 3.55 9.21 26.73
C GLY A 303 3.78 7.96 25.91
N GLY A 304 4.81 7.96 25.08
CA GLY A 304 5.12 6.83 24.24
C GLY A 304 4.27 6.78 22.99
N PHE A 305 4.56 5.77 22.15
CA PHE A 305 3.88 5.58 20.87
C PHE A 305 3.18 4.24 20.88
N ASP A 306 1.85 4.25 20.81
CA ASP A 306 1.09 3.00 20.86
C ASP A 306 1.33 2.15 19.61
N LEU A 307 1.62 2.79 18.47
CA LEU A 307 1.80 2.06 17.23
C LEU A 307 2.86 2.77 16.39
N VAL A 308 3.71 1.99 15.74
CA VAL A 308 4.75 2.49 14.83
C VAL A 308 4.50 1.83 13.49
N ILE A 309 4.02 2.60 12.52
CA ILE A 309 3.60 2.05 11.24
C ILE A 309 4.38 2.72 10.12
N GLY A 310 4.81 1.93 9.14
CA GLY A 310 5.52 2.49 8.01
C GLY A 310 5.79 1.50 6.89
N GLY A 311 6.32 2.03 5.79
CA GLY A 311 6.80 1.25 4.67
C GLY A 311 7.96 1.94 3.97
N SER A 312 9.19 1.46 4.23
CA SER A 312 10.37 2.07 3.64
C SER A 312 10.36 1.86 2.12
N PRO A 313 11.11 2.67 1.37
CA PRO A 313 10.94 2.68 -0.09
C PRO A 313 11.25 1.33 -0.73
N CYS A 314 10.35 0.90 -1.62
CA CYS A 314 10.52 -0.27 -2.46
C CYS A 314 11.29 0.05 -3.74
N ASN A 315 11.99 1.18 -3.76
CA ASN A 315 12.61 1.67 -4.99
C ASN A 315 13.54 0.62 -5.59
N ASN A 316 14.54 0.20 -4.84
CA ASN A 316 15.56 -0.72 -5.33
C ASN A 316 15.14 -2.18 -5.17
N LEU A 317 13.85 -2.44 -4.93
CA LEU A 317 13.31 -3.78 -4.88
C LEU A 317 12.32 -4.08 -5.98
N ALA A 318 11.63 -3.07 -6.51
CA ALA A 318 10.59 -3.31 -7.50
C ALA A 318 11.19 -3.82 -8.81
N GLY A 319 10.54 -4.83 -9.38
CA GLY A 319 10.94 -5.34 -10.69
C GLY A 319 10.80 -4.33 -11.80
N GLY A 320 9.99 -3.28 -11.61
CA GLY A 320 9.87 -2.23 -12.59
C GLY A 320 11.08 -1.31 -12.67
N ASN A 321 11.97 -1.37 -11.68
CA ASN A 321 13.19 -0.58 -11.66
C ASN A 321 14.20 -1.21 -12.62
N ARG A 322 14.50 -0.50 -13.72
CA ARG A 322 15.37 -1.05 -14.75
C ARG A 322 16.85 -0.89 -14.41
N VAL A 323 17.21 0.24 -13.80
CA VAL A 323 18.62 0.62 -13.73
C VAL A 323 19.22 0.39 -12.34
N SER A 324 18.41 0.42 -11.28
CA SER A 324 18.94 0.46 -9.93
C SER A 324 18.17 -0.47 -9.00
N ARG A 325 17.85 -1.68 -9.47
CA ARG A 325 17.19 -2.66 -8.62
C ARG A 325 18.24 -3.49 -7.87
N VAL A 326 19.07 -2.79 -7.10
CA VAL A 326 20.25 -3.41 -6.49
C VAL A 326 19.94 -4.02 -5.14
N GLY A 327 18.70 -3.99 -4.68
CA GLY A 327 18.32 -4.68 -3.47
C GLY A 327 18.18 -3.75 -2.28
N LEU A 328 18.33 -4.34 -1.09
CA LEU A 328 18.04 -3.62 0.14
C LEU A 328 19.06 -2.51 0.40
N GLU A 329 20.30 -2.68 -0.05
CA GLU A 329 21.34 -1.70 0.18
C GLU A 329 21.33 -0.57 -0.84
N GLY A 330 20.29 -0.47 -1.67
CA GLY A 330 20.16 0.66 -2.55
C GLY A 330 20.01 1.96 -1.78
N ASP A 331 20.21 3.07 -2.49
CA ASP A 331 20.23 4.37 -1.83
C ASP A 331 18.92 4.65 -1.09
N GLN A 332 17.79 4.24 -1.67
CA GLN A 332 16.49 4.52 -1.07
C GLN A 332 15.96 3.40 -0.21
N SER A 333 16.11 2.15 -0.65
CA SER A 333 15.59 1.03 0.14
C SER A 333 16.35 0.86 1.46
N SER A 334 17.63 1.27 1.49
CA SER A 334 18.41 1.15 2.71
C SER A 334 17.81 1.95 3.85
N LEU A 335 16.98 2.95 3.56
CA LEU A 335 16.28 3.69 4.61
C LEU A 335 15.44 2.77 5.48
N PHE A 336 15.22 1.53 5.04
CA PHE A 336 14.59 0.53 5.90
C PHE A 336 15.25 0.48 7.26
N PHE A 337 16.59 0.42 7.28
CA PHE A 337 17.29 0.32 8.55
C PHE A 337 17.03 1.55 9.42
N GLU A 338 16.84 2.71 8.79
CA GLU A 338 16.41 3.89 9.53
C GLU A 338 15.15 3.60 10.32
N TYR A 339 14.13 3.05 9.65
CA TYR A 339 12.94 2.54 10.31
C TYR A 339 13.32 1.72 11.54
N CYS A 340 14.09 0.68 11.33
CA CYS A 340 14.54 -0.21 12.43
C CYS A 340 15.19 0.59 13.56
N ARG A 341 15.97 1.62 13.23
CA ARG A 341 16.62 2.49 14.24
C ARG A 341 15.56 3.16 15.10
N ILE A 342 14.61 3.84 14.47
CA ILE A 342 13.58 4.59 15.24
C ILE A 342 12.73 3.56 16.00
N LEU A 343 12.45 2.41 15.42
CA LEU A 343 11.67 1.42 16.15
C LEU A 343 12.39 1.04 17.44
N GLU A 344 13.69 0.78 17.36
CA GLU A 344 14.43 0.38 18.55
C GLU A 344 14.34 1.44 19.63
N VAL A 345 14.51 2.71 19.25
CA VAL A 345 14.39 3.79 20.24
C VAL A 345 13.06 3.68 20.95
N VAL A 346 11.97 3.55 20.19
CA VAL A 346 10.65 3.43 20.80
C VAL A 346 10.63 2.24 21.76
N ARG A 347 11.09 1.09 21.27
CA ARG A 347 11.12 -0.10 22.11
C ARG A 347 11.91 0.14 23.39
N ALA A 348 13.05 0.85 23.25
CA ALA A 348 13.92 1.09 24.40
C ALA A 348 13.17 1.76 25.55
N ARG A 349 12.06 2.46 25.28
CA ARG A 349 11.27 3.06 26.34
C ARG A 349 10.09 2.23 26.75
N MET A 350 9.48 1.49 25.82
CA MET A 350 8.23 0.80 26.16
C MET A 350 8.47 -0.56 26.80
N ARG A 351 9.45 -1.31 26.30
CA ARG A 351 9.84 -2.59 26.88
C ARG A 351 11.22 -2.56 27.51
N GLY A 352 12.10 -1.71 26.98
CA GLY A 352 13.43 -1.40 27.53
C GLY A 352 14.45 -2.52 27.37
N SER A 353 15.54 -2.42 28.14
CA SER A 353 16.79 -3.20 27.99
C SER A 353 17.62 -2.68 26.80
#